data_2BJU
#
_entry.id   2BJU
#
_cell.length_a   67.944
_cell.length_b   157.142
_cell.length_c   38.867
_cell.angle_alpha   90.00
_cell.angle_beta   90.00
_cell.angle_gamma   90.00
#
_symmetry.space_group_name_H-M   'P 21 21 2'
#
loop_
_entity.id
_entity.type
_entity.pdbx_description
1 polymer 'PLASMEPSIN II'
2 non-polymer N-(R-CARBOXY-ETHYL)-ALPHA-(S)-(2-PHENYLETHYL)
3 water water
#
_entity_poly.entity_id   1
_entity_poly.type   'polypeptide(L)'
_entity_poly.pdbx_seq_one_letter_code
;MDITVREHDFKHGFIKSNSTFDGLNIDNSKNKKKIQKGFQILYVLLFCSVMCGLFYYVYENVWLQRDNEMNEILKNSEHL
TIGFKVENAHDRILKTIKTHKLKNYIKESVNFLNSGLTKTNYLGSSNDNIELVDFQNIMFYGDAEVGDNQQPFTFILDTG
SANLWVPSVKCTTAGCLTKHLYDSSKSRTYEKDGTKVEMNYVSGTVSGFFSKDLVTVGNLSLPYKFIEVIDTNGFEPTYT
ASTFDGILGLGWKDLSIGSVDPIVVELKNQNKIENALFTFYLPVHDKHTGFLTIGGIEERFYEGPLTYEKLNHDLYWQIT
LDAHVGNIMLEKANCIVDSGTSAITVPTDFLNKMLQNLDVIKVPFLPFYVTLCNNSKLPTFEFTSENGKYTLEPEYYLQH
IEDVGPGLCMLNIIGLDFPVPTFILGDPFMRKYFTVFDYDNHSVGIALAKKNL
;
_entity_poly.pdbx_strand_id   A
#
loop_
_chem_comp.id
_chem_comp.type
_chem_comp.name
_chem_comp.formula
IH4 non-polymer N-(R-CARBOXY-ETHYL)-ALPHA-(S)-(2-PHENYLETHYL) 'C37 H44 N4 O3'
#
# COMPACT_ATOMS: atom_id res chain seq x y z
N SER A 125 -9.28 16.34 16.80
CA SER A 125 -9.75 16.66 15.41
C SER A 125 -10.62 15.56 14.82
N SER A 126 -11.13 14.69 15.70
CA SER A 126 -12.02 13.59 15.32
C SER A 126 -11.40 12.66 14.27
N ASN A 127 -12.27 11.93 13.58
CA ASN A 127 -11.88 10.92 12.61
C ASN A 127 -11.28 9.72 13.33
N ASP A 128 -11.17 8.64 12.60
CA ASP A 128 -10.64 7.41 13.13
C ASP A 128 -9.19 7.33 12.65
N ASN A 129 -8.24 7.32 13.58
CA ASN A 129 -6.81 7.35 13.25
C ASN A 129 -6.20 6.03 13.69
N ILE A 130 -5.59 5.32 12.74
CA ILE A 130 -4.92 4.04 12.98
C ILE A 130 -3.40 4.28 12.81
N GLU A 131 -2.64 4.12 13.89
CA GLU A 131 -1.20 4.36 13.81
C GLU A 131 -0.47 3.29 12.99
N LEU A 132 0.51 3.77 12.22
CA LEU A 132 1.30 2.95 11.32
C LEU A 132 2.72 2.80 11.81
N VAL A 133 3.25 1.58 11.76
CA VAL A 133 4.59 1.29 12.25
C VAL A 133 5.47 0.92 11.04
N ASP A 134 6.61 1.61 10.90
CA ASP A 134 7.55 1.29 9.82
C ASP A 134 8.39 0.07 10.15
N PHE A 135 8.63 -0.75 9.15
CA PHE A 135 9.59 -1.84 9.26
C PHE A 135 10.73 -1.64 8.26
N GLN A 136 11.85 -1.13 8.77
CA GLN A 136 13.13 -1.10 8.05
C GLN A 136 13.08 -0.33 6.76
N ASN A 137 12.20 0.67 6.68
CA ASN A 137 12.00 1.45 5.47
C ASN A 137 11.56 0.59 4.27
N ILE A 138 11.02 -0.61 4.54
CA ILE A 138 10.61 -1.61 3.52
C ILE A 138 9.09 -1.85 3.44
N MET A 139 8.42 -1.67 4.58
N MET A 139 8.38 -1.68 4.55
CA MET A 139 6.96 -1.81 4.62
CA MET A 139 6.90 -1.76 4.52
C MET A 139 6.47 -1.06 5.85
C MET A 139 6.41 -1.39 5.91
N PHE A 140 5.16 -0.94 5.99
CA PHE A 140 4.62 -0.49 7.26
C PHE A 140 3.41 -1.34 7.55
N TYR A 141 3.01 -1.37 8.82
N TYR A 141 3.02 -1.40 8.82
CA TYR A 141 1.85 -2.15 9.23
CA TYR A 141 1.83 -2.17 9.22
C TYR A 141 0.95 -1.35 10.14
C TYR A 141 0.95 -1.36 10.14
N GLY A 142 -0.31 -1.78 10.25
CA GLY A 142 -1.23 -1.21 11.24
C GLY A 142 -1.99 -2.35 11.91
N ASP A 143 -2.53 -2.08 13.09
CA ASP A 143 -3.24 -3.13 13.80
C ASP A 143 -4.74 -2.98 13.63
N ALA A 144 -5.42 -4.12 13.62
CA ALA A 144 -6.88 -4.14 13.58
C ALA A 144 -7.33 -5.45 14.23
N GLU A 145 -8.60 -5.50 14.64
CA GLU A 145 -9.13 -6.69 15.32
C GLU A 145 -10.29 -7.31 14.56
N VAL A 146 -10.46 -8.61 14.78
CA VAL A 146 -11.56 -9.36 14.18
C VAL A 146 -12.24 -10.14 15.30
N GLY A 147 -13.57 -10.21 15.25
CA GLY A 147 -14.34 -10.87 16.29
C GLY A 147 -14.81 -9.89 17.35
N ASP A 148 -15.94 -10.20 17.98
CA ASP A 148 -16.39 -9.30 19.04
C ASP A 148 -15.61 -9.47 20.34
N ASN A 149 -14.69 -10.43 20.36
CA ASN A 149 -13.69 -10.54 21.39
C ASN A 149 -12.37 -9.87 21.02
N GLN A 150 -12.39 -9.12 19.91
CA GLN A 150 -11.28 -8.23 19.54
C GLN A 150 -9.96 -8.98 19.37
N GLN A 151 -9.97 -10.07 18.59
CA GLN A 151 -8.75 -10.85 18.36
C GLN A 151 -7.80 -9.96 17.55
N PRO A 152 -6.59 -9.76 18.06
CA PRO A 152 -5.66 -8.80 17.46
C PRO A 152 -4.80 -9.37 16.30
N PHE A 153 -4.59 -8.53 15.29
CA PHE A 153 -3.73 -8.87 14.15
C PHE A 153 -2.98 -7.64 13.69
N THR A 154 -1.85 -7.87 13.04
CA THR A 154 -1.08 -6.83 12.38
C THR A 154 -1.32 -7.01 10.88
N PHE A 155 -1.60 -5.90 10.18
CA PHE A 155 -1.96 -5.94 8.75
C PHE A 155 -1.08 -5.06 7.91
N ILE A 156 -0.78 -5.55 6.71
CA ILE A 156 -0.45 -4.65 5.61
C ILE A 156 -1.74 -3.94 5.22
N LEU A 157 -1.67 -2.62 5.06
CA LEU A 157 -2.82 -1.81 4.64
C LEU A 157 -2.58 -1.40 3.19
N ASP A 158 -3.32 -2.03 2.27
CA ASP A 158 -2.92 -2.10 0.87
C ASP A 158 -3.95 -1.47 -0.06
N THR A 159 -3.64 -0.29 -0.57
CA THR A 159 -4.55 0.33 -1.54
C THR A 159 -4.54 -0.38 -2.89
N GLY A 160 -3.61 -1.31 -3.07
CA GLY A 160 -3.50 -2.12 -4.29
C GLY A 160 -4.24 -3.43 -4.25
N SER A 161 -5.02 -3.68 -3.21
CA SER A 161 -5.91 -4.84 -3.21
C SER A 161 -7.20 -4.50 -2.49
N ALA A 162 -8.14 -5.45 -2.46
CA ALA A 162 -9.50 -5.08 -2.06
C ALA A 162 -10.26 -6.13 -1.30
N ASN A 163 -9.52 -7.04 -0.64
CA ASN A 163 -10.12 -7.92 0.34
C ASN A 163 -9.37 -7.87 1.63
N LEU A 164 -10.07 -8.30 2.69
CA LEU A 164 -9.43 -8.45 3.99
C LEU A 164 -9.11 -9.94 4.15
N TRP A 165 -7.83 -10.22 4.38
CA TRP A 165 -7.32 -11.60 4.44
C TRP A 165 -6.81 -11.83 5.86
N VAL A 166 -7.38 -12.83 6.54
CA VAL A 166 -7.12 -13.07 7.94
C VAL A 166 -6.77 -14.55 8.10
N PRO A 167 -5.64 -14.88 8.70
CA PRO A 167 -5.25 -16.30 8.83
C PRO A 167 -6.09 -16.99 9.90
N SER A 168 -6.53 -18.21 9.60
CA SER A 168 -7.42 -18.97 10.48
C SER A 168 -6.67 -19.86 11.45
N VAL A 169 -7.26 -20.09 12.63
CA VAL A 169 -6.77 -21.18 13.51
C VAL A 169 -6.82 -22.53 12.81
N LYS A 170 -7.65 -22.64 11.78
CA LYS A 170 -7.73 -23.88 11.00
C LYS A 170 -6.62 -23.98 9.96
N CYS A 171 -5.79 -22.94 9.87
CA CYS A 171 -4.60 -22.98 9.01
C CYS A 171 -3.43 -23.60 9.78
N THR A 172 -2.93 -24.72 9.27
CA THR A 172 -1.84 -25.43 9.95
C THR A 172 -0.56 -25.48 9.11
N THR A 173 -0.46 -24.60 8.10
CA THR A 173 0.78 -24.45 7.33
C THR A 173 1.89 -23.96 8.25
N ALA A 174 3.14 -24.16 7.83
CA ALA A 174 4.29 -23.69 8.60
C ALA A 174 4.20 -22.20 8.91
N GLY A 175 3.71 -21.43 7.94
CA GLY A 175 3.62 -19.99 8.06
C GLY A 175 2.66 -19.59 9.17
N CYS A 176 1.53 -20.26 9.21
CA CYS A 176 0.47 -19.91 10.15
C CYS A 176 0.88 -20.16 11.59
N LEU A 177 1.71 -21.18 11.78
CA LEU A 177 2.23 -21.52 13.10
C LEU A 177 2.96 -20.35 13.76
N THR A 178 3.43 -19.37 12.97
CA THR A 178 4.16 -18.21 13.50
C THR A 178 3.30 -16.95 13.71
N LYS A 179 2.01 -17.05 13.39
CA LYS A 179 1.14 -15.88 13.30
C LYS A 179 0.04 -15.83 14.39
N HIS A 180 -0.55 -14.65 14.56
CA HIS A 180 -1.83 -14.51 15.26
C HIS A 180 -2.94 -15.05 14.37
N LEU A 181 -3.79 -15.90 14.94
CA LEU A 181 -4.77 -16.64 14.17
C LEU A 181 -6.17 -16.36 14.64
N TYR A 182 -7.11 -16.32 13.69
CA TYR A 182 -8.50 -15.99 13.98
C TYR A 182 -9.30 -17.27 14.28
N ASP A 183 -9.98 -17.26 15.43
CA ASP A 183 -10.86 -18.37 15.84
C ASP A 183 -12.30 -17.89 15.88
N SER A 184 -13.06 -18.20 14.83
CA SER A 184 -14.47 -17.80 14.73
C SER A 184 -15.36 -18.32 15.87
N SER A 185 -15.00 -19.47 16.42
CA SER A 185 -15.76 -20.04 17.56
C SER A 185 -15.76 -19.15 18.79
N LYS A 186 -14.79 -18.23 18.90
CA LYS A 186 -14.65 -17.39 20.08
C LYS A 186 -15.35 -16.04 19.97
N SER A 187 -15.99 -15.80 18.82
CA SER A 187 -16.70 -14.54 18.57
C SER A 187 -18.19 -14.78 18.46
N ARG A 188 -18.98 -14.04 19.23
CA ARG A 188 -20.43 -14.22 19.21
C ARG A 188 -21.05 -13.68 17.94
N THR A 189 -20.32 -12.80 17.25
CA THR A 189 -20.85 -12.09 16.06
C THR A 189 -20.39 -12.75 14.76
N TYR A 190 -19.69 -13.87 14.88
CA TYR A 190 -19.34 -14.63 13.67
C TYR A 190 -20.57 -15.12 12.92
N GLU A 191 -20.64 -14.82 11.62
CA GLU A 191 -21.68 -15.32 10.73
C GLU A 191 -21.03 -16.13 9.62
N LYS A 192 -21.29 -17.43 9.65
CA LYS A 192 -20.71 -18.37 8.71
C LYS A 192 -21.12 -17.99 7.29
N ASP A 193 -20.15 -18.16 6.38
CA ASP A 193 -20.41 -17.98 4.97
C ASP A 193 -19.92 -19.25 4.26
N GLY A 194 -18.60 -19.41 4.15
CA GLY A 194 -18.00 -20.67 3.69
C GLY A 194 -17.75 -20.70 2.20
N THR A 195 -18.17 -19.67 1.48
CA THR A 195 -17.89 -19.56 0.05
C THR A 195 -16.38 -19.68 -0.17
N LYS A 196 -15.96 -20.63 -1.01
CA LYS A 196 -14.54 -20.88 -1.22
C LYS A 196 -13.86 -19.79 -2.05
N VAL A 197 -12.64 -19.47 -1.63
CA VAL A 197 -11.76 -18.51 -2.27
C VAL A 197 -10.43 -19.20 -2.58
N GLU A 198 -9.97 -19.01 -3.82
CA GLU A 198 -8.67 -19.48 -4.30
C GLU A 198 -8.03 -18.29 -5.02
N MET A 199 -6.81 -17.92 -4.64
CA MET A 199 -6.08 -16.85 -5.31
C MET A 199 -4.66 -17.30 -5.70
N ASN A 200 -4.24 -16.97 -6.92
CA ASN A 200 -2.86 -17.23 -7.33
C ASN A 200 -1.98 -16.02 -7.02
N TYR A 201 -0.84 -16.24 -6.37
CA TYR A 201 0.05 -15.15 -6.03
C TYR A 201 1.07 -14.90 -7.17
N VAL A 202 2.26 -15.47 -7.07
CA VAL A 202 3.20 -15.39 -8.20
C VAL A 202 3.24 -16.72 -8.97
N SER A 203 3.48 -17.81 -8.26
CA SER A 203 3.39 -19.16 -8.84
C SER A 203 2.83 -20.18 -7.84
N GLY A 204 2.07 -19.69 -6.87
CA GLY A 204 1.44 -20.55 -5.87
C GLY A 204 0.03 -20.09 -5.51
N THR A 205 -0.72 -20.96 -4.84
CA THR A 205 -2.10 -20.66 -4.46
C THR A 205 -2.27 -20.30 -2.98
N VAL A 206 -3.17 -19.37 -2.73
CA VAL A 206 -3.62 -19.07 -1.38
C VAL A 206 -5.11 -19.40 -1.33
N SER A 207 -5.53 -20.15 -0.33
CA SER A 207 -6.91 -20.56 -0.29
C SER A 207 -7.55 -20.40 1.09
N GLY A 208 -8.85 -20.23 1.05
CA GLY A 208 -9.65 -20.09 2.26
C GLY A 208 -11.11 -19.98 1.88
N PHE A 209 -11.87 -19.22 2.66
CA PHE A 209 -13.30 -19.11 2.44
C PHE A 209 -13.80 -17.86 3.12
N PHE A 210 -14.92 -17.35 2.65
CA PHE A 210 -15.47 -16.15 3.26
C PHE A 210 -16.07 -16.43 4.63
N SER A 211 -15.97 -15.42 5.49
CA SER A 211 -16.61 -15.40 6.82
C SER A 211 -17.03 -13.97 7.07
N LYS A 212 -18.02 -13.77 7.95
CA LYS A 212 -18.41 -12.42 8.33
C LYS A 212 -18.25 -12.29 9.83
N ASP A 213 -17.63 -11.20 10.28
CA ASP A 213 -17.50 -10.98 11.72
C ASP A 213 -17.25 -9.51 11.93
N LEU A 214 -17.24 -9.09 13.21
CA LEU A 214 -16.93 -7.73 13.59
C LEU A 214 -15.47 -7.40 13.27
N VAL A 215 -15.28 -6.37 12.47
CA VAL A 215 -13.91 -5.89 12.23
C VAL A 215 -13.76 -4.52 12.86
N THR A 216 -12.73 -4.34 13.68
CA THR A 216 -12.50 -3.11 14.40
C THR A 216 -11.25 -2.46 13.83
N VAL A 217 -11.41 -1.26 13.31
CA VAL A 217 -10.28 -0.51 12.78
C VAL A 217 -10.21 0.80 13.56
N GLY A 218 -9.19 0.96 14.38
CA GLY A 218 -9.16 2.12 15.26
C GLY A 218 -10.32 2.07 16.21
N ASN A 219 -11.05 3.18 16.28
CA ASN A 219 -12.20 3.30 17.16
C ASN A 219 -13.53 3.02 16.48
N LEU A 220 -13.49 2.43 15.29
CA LEU A 220 -14.73 2.13 14.57
C LEU A 220 -14.79 0.66 14.34
N SER A 221 -16.00 0.14 14.26
CA SER A 221 -16.19 -1.29 14.04
C SER A 221 -17.38 -1.50 13.14
N LEU A 222 -17.39 -2.64 12.45
CA LEU A 222 -18.55 -3.02 11.67
C LEU A 222 -18.50 -4.52 11.35
N PRO A 223 -19.64 -5.17 11.23
CA PRO A 223 -19.63 -6.52 10.64
C PRO A 223 -19.14 -6.44 9.20
N TYR A 224 -18.26 -7.37 8.82
CA TYR A 224 -17.62 -7.28 7.52
C TYR A 224 -17.26 -8.64 6.97
N LYS A 225 -17.35 -8.80 5.65
CA LYS A 225 -17.06 -10.04 4.96
C LYS A 225 -15.59 -10.09 4.56
N PHE A 226 -14.87 -11.06 5.11
CA PHE A 226 -13.43 -11.19 4.88
C PHE A 226 -13.08 -12.61 4.48
N ILE A 227 -11.84 -12.81 4.06
CA ILE A 227 -11.39 -14.15 3.68
C ILE A 227 -10.59 -14.75 4.82
N GLU A 228 -11.13 -15.85 5.34
CA GLU A 228 -10.49 -16.62 6.38
C GLU A 228 -9.56 -17.62 5.69
N VAL A 229 -8.25 -17.48 5.93
CA VAL A 229 -7.24 -18.19 5.13
C VAL A 229 -6.81 -19.48 5.80
N ILE A 230 -6.85 -20.57 5.02
CA ILE A 230 -6.54 -21.92 5.49
C ILE A 230 -5.18 -22.39 4.93
N ASP A 231 -4.86 -21.97 3.72
CA ASP A 231 -3.59 -22.36 3.10
C ASP A 231 -2.84 -21.14 2.58
N THR A 232 -1.70 -20.85 3.18
CA THR A 232 -0.88 -19.68 2.86
C THR A 232 0.33 -20.04 2.01
N ASN A 233 0.45 -21.31 1.60
CA ASN A 233 1.70 -21.77 1.02
C ASN A 233 2.15 -21.04 -0.26
N GLY A 234 1.20 -20.59 -1.07
CA GLY A 234 1.50 -19.81 -2.25
C GLY A 234 2.07 -18.42 -1.98
N PHE A 235 2.00 -17.99 -0.72
CA PHE A 235 2.53 -16.69 -0.30
C PHE A 235 3.87 -16.85 0.42
N GLU A 236 4.48 -18.02 0.29
CA GLU A 236 5.79 -18.27 0.89
C GLU A 236 6.93 -18.02 -0.11
N PRO A 237 8.11 -17.67 0.40
CA PRO A 237 8.40 -17.50 1.84
C PRO A 237 8.14 -16.07 2.39
N THR A 238 7.51 -15.23 1.59
CA THR A 238 7.21 -13.85 1.98
C THR A 238 6.44 -13.76 3.30
N TYR A 239 5.39 -14.59 3.42
CA TYR A 239 4.55 -14.60 4.61
C TYR A 239 5.33 -14.90 5.90
N THR A 240 6.08 -16.02 5.89
CA THR A 240 6.87 -16.39 7.07
C THR A 240 7.97 -15.39 7.40
N ALA A 241 8.60 -14.84 6.37
CA ALA A 241 9.71 -13.91 6.55
C ALA A 241 9.33 -12.57 7.17
N SER A 242 8.04 -12.24 7.06
CA SER A 242 7.52 -10.95 7.49
C SER A 242 6.76 -11.07 8.81
N THR A 243 6.54 -9.96 9.49
CA THR A 243 5.92 -10.02 10.82
C THR A 243 4.39 -9.77 10.84
N PHE A 244 3.82 -9.46 9.70
CA PHE A 244 2.37 -9.23 9.64
C PHE A 244 1.57 -10.52 9.64
N ASP A 245 0.32 -10.42 10.08
CA ASP A 245 -0.56 -11.57 10.05
C ASP A 245 -1.48 -11.60 8.84
N GLY A 246 -1.93 -10.44 8.37
CA GLY A 246 -2.90 -10.48 7.30
C GLY A 246 -2.75 -9.25 6.41
N ILE A 247 -3.66 -9.12 5.44
CA ILE A 247 -3.62 -7.98 4.51
C ILE A 247 -5.03 -7.40 4.45
N LEU A 248 -5.10 -6.08 4.67
CA LEU A 248 -6.36 -5.37 4.63
C LEU A 248 -6.36 -4.49 3.39
N GLY A 249 -7.17 -4.88 2.40
CA GLY A 249 -7.24 -4.12 1.17
C GLY A 249 -8.06 -2.85 1.33
N LEU A 250 -7.65 -1.83 0.58
CA LEU A 250 -8.29 -0.51 0.61
C LEU A 250 -8.58 -0.02 -0.81
N GLY A 251 -8.66 -0.93 -1.78
CA GLY A 251 -8.97 -0.52 -3.16
C GLY A 251 -10.49 -0.43 -3.37
N TRP A 252 -10.91 -0.58 -4.63
CA TRP A 252 -12.32 -0.42 -4.99
C TRP A 252 -13.04 -1.76 -5.10
N LYS A 253 -14.36 -1.71 -5.02
CA LYS A 253 -15.20 -2.93 -5.05
C LYS A 253 -14.85 -3.86 -6.21
N ASP A 254 -14.64 -3.30 -7.40
CA ASP A 254 -14.40 -4.14 -8.58
C ASP A 254 -13.06 -4.86 -8.57
N LEU A 255 -12.14 -4.42 -7.71
CA LEU A 255 -10.86 -5.08 -7.56
C LEU A 255 -10.96 -6.28 -6.62
N SER A 256 -12.07 -6.38 -5.88
CA SER A 256 -12.22 -7.42 -4.86
C SER A 256 -12.65 -8.73 -5.45
N ILE A 257 -12.28 -9.80 -4.74
CA ILE A 257 -12.94 -11.09 -4.95
C ILE A 257 -14.29 -10.99 -4.25
N GLY A 258 -15.35 -11.41 -4.96
CA GLY A 258 -16.66 -11.46 -4.35
C GLY A 258 -17.48 -10.19 -4.29
N SER A 259 -17.04 -9.15 -5.00
CA SER A 259 -17.76 -7.88 -5.07
C SER A 259 -18.13 -7.35 -3.68
N VAL A 260 -17.13 -7.23 -2.83
CA VAL A 260 -17.34 -6.74 -1.47
C VAL A 260 -17.13 -5.22 -1.41
N ASP A 261 -18.10 -4.48 -0.88
CA ASP A 261 -17.93 -3.04 -0.71
C ASP A 261 -16.76 -2.78 0.23
N PRO A 262 -15.90 -1.85 -0.14
CA PRO A 262 -14.77 -1.50 0.72
C PRO A 262 -15.21 -1.11 2.13
N ILE A 263 -14.30 -1.33 3.07
CA ILE A 263 -14.58 -1.01 4.49
C ILE A 263 -15.02 0.43 4.66
N VAL A 264 -14.31 1.37 4.03
CA VAL A 264 -14.63 2.77 4.25
C VAL A 264 -15.99 3.13 3.63
N VAL A 265 -16.30 2.56 2.47
CA VAL A 265 -17.63 2.71 1.87
C VAL A 265 -18.72 2.23 2.80
N GLU A 266 -18.50 1.09 3.41
CA GLU A 266 -19.50 0.48 4.30
C GLU A 266 -19.64 1.35 5.56
N LEU A 267 -18.53 1.84 6.10
CA LEU A 267 -18.64 2.75 7.24
C LEU A 267 -19.49 4.00 6.97
N LYS A 268 -19.35 4.56 5.77
CA LYS A 268 -20.11 5.74 5.38
C LYS A 268 -21.59 5.41 5.26
N ASN A 269 -21.86 4.25 4.68
CA ASN A 269 -23.24 3.82 4.48
C ASN A 269 -23.97 3.76 5.82
N GLN A 270 -23.20 3.47 6.88
CA GLN A 270 -23.77 3.33 8.22
C GLN A 270 -23.69 4.58 9.05
N ASN A 271 -23.42 5.70 8.40
CA ASN A 271 -23.30 7.00 9.04
C ASN A 271 -22.32 7.01 10.21
N LYS A 272 -21.28 6.18 10.10
CA LYS A 272 -20.23 6.11 11.10
C LYS A 272 -19.14 7.11 10.78
N ILE A 273 -19.11 7.55 9.52
CA ILE A 273 -18.31 8.68 9.07
C ILE A 273 -19.20 9.52 8.14
N GLU A 274 -18.85 10.78 7.93
CA GLU A 274 -19.59 11.66 7.01
C GLU A 274 -19.02 11.69 5.61
N ASN A 275 -17.82 11.17 5.45
CA ASN A 275 -17.20 11.16 4.14
C ASN A 275 -16.51 9.83 3.97
N ALA A 276 -16.79 9.15 2.85
CA ALA A 276 -16.10 7.92 2.49
C ALA A 276 -14.78 8.25 1.85
N LEU A 277 -13.82 8.59 2.72
CA LEU A 277 -12.47 8.81 2.31
C LEU A 277 -11.54 8.33 3.40
N PHE A 278 -10.31 8.08 3.01
CA PHE A 278 -9.26 7.81 3.99
C PHE A 278 -8.00 8.51 3.53
N THR A 279 -7.07 8.69 4.46
CA THR A 279 -5.81 9.35 4.10
C THR A 279 -4.62 8.56 4.64
N PHE A 280 -3.50 8.69 3.95
CA PHE A 280 -2.24 8.09 4.41
C PHE A 280 -1.18 9.12 4.66
N TYR A 281 -0.67 9.12 5.90
CA TYR A 281 0.51 9.87 6.26
C TYR A 281 1.51 8.80 6.68
N LEU A 282 2.44 8.46 5.79
CA LEU A 282 3.27 7.29 6.04
C LEU A 282 4.35 7.55 7.09
N PRO A 283 4.69 6.53 7.86
CA PRO A 283 5.81 6.69 8.79
C PRO A 283 7.09 6.81 7.98
N VAL A 284 8.11 7.45 8.58
CA VAL A 284 9.42 7.55 7.94
C VAL A 284 10.45 6.98 8.90
N HIS A 285 11.19 6.00 8.42
CA HIS A 285 12.18 5.29 9.24
C HIS A 285 13.14 6.27 9.91
N ASP A 286 13.31 6.12 11.22
CA ASP A 286 14.18 6.97 12.05
C ASP A 286 13.76 8.43 12.14
N LYS A 287 12.54 8.77 11.68
CA LYS A 287 12.07 10.13 11.80
C LYS A 287 10.76 10.26 12.54
N HIS A 288 9.72 9.53 12.11
CA HIS A 288 8.39 9.75 12.72
C HIS A 288 7.41 8.63 12.44
N THR A 289 6.36 8.65 13.24
CA THR A 289 5.26 7.72 13.12
C THR A 289 4.37 8.06 11.93
N GLY A 290 3.40 7.20 11.67
CA GLY A 290 2.48 7.43 10.57
C GLY A 290 1.05 7.14 10.98
N PHE A 291 0.11 7.55 10.12
CA PHE A 291 -1.32 7.29 10.36
C PHE A 291 -2.12 7.02 9.11
N LEU A 292 -3.01 6.05 9.24
CA LEU A 292 -4.15 5.90 8.29
C LEU A 292 -5.34 6.57 8.96
N THR A 293 -5.94 7.57 8.30
CA THR A 293 -7.06 8.28 8.90
C THR A 293 -8.32 8.02 8.08
N ILE A 294 -9.38 7.56 8.74
CA ILE A 294 -10.63 7.35 8.05
C ILE A 294 -11.62 8.45 8.36
N GLY A 295 -12.16 9.08 7.32
CA GLY A 295 -13.36 9.89 7.51
C GLY A 295 -13.14 11.38 7.36
N GLY A 296 -11.89 11.82 7.30
CA GLY A 296 -11.64 13.26 7.13
C GLY A 296 -10.18 13.55 6.92
N ILE A 297 -9.88 14.77 6.46
CA ILE A 297 -8.53 15.19 6.08
C ILE A 297 -8.06 16.13 7.20
N GLU A 298 -6.95 15.80 7.84
CA GLU A 298 -6.46 16.58 9.01
C GLU A 298 -5.23 17.41 8.65
N GLU A 299 -5.24 18.69 9.03
CA GLU A 299 -4.18 19.66 8.71
C GLU A 299 -2.82 19.21 9.21
N ARG A 300 -2.79 18.45 10.31
CA ARG A 300 -1.50 18.14 10.93
C ARG A 300 -0.58 17.35 10.01
N PHE A 301 -1.14 16.71 8.98
CA PHE A 301 -0.38 15.82 8.12
C PHE A 301 0.28 16.43 6.89
N TYR A 302 -0.15 17.62 6.47
CA TYR A 302 0.30 18.13 5.17
C TYR A 302 0.55 19.63 5.23
N GLU A 303 1.30 20.10 4.25
CA GLU A 303 1.54 21.53 4.13
C GLU A 303 1.40 21.88 2.68
N GLY A 304 1.12 23.15 2.42
CA GLY A 304 0.90 23.58 1.06
C GLY A 304 -0.44 23.06 0.52
N PRO A 305 -0.68 23.24 -0.77
CA PRO A 305 -1.99 22.93 -1.36
C PRO A 305 -2.22 21.43 -1.57
N LEU A 306 -3.46 21.01 -1.34
CA LEU A 306 -3.90 19.68 -1.70
C LEU A 306 -4.47 19.81 -3.10
N THR A 307 -3.99 18.98 -4.01
CA THR A 307 -4.54 18.96 -5.38
C THR A 307 -5.12 17.59 -5.68
N TYR A 308 -6.19 17.56 -6.48
CA TYR A 308 -6.92 16.33 -6.74
C TYR A 308 -6.81 15.84 -8.17
N GLU A 309 -6.73 14.52 -8.30
CA GLU A 309 -6.61 13.86 -9.60
C GLU A 309 -7.75 12.86 -9.74
N LYS A 310 -8.53 12.93 -10.84
CA LYS A 310 -9.64 12.00 -10.99
C LYS A 310 -9.15 10.59 -11.34
N LEU A 311 -9.86 9.61 -10.81
CA LEU A 311 -9.54 8.23 -11.15
C LEU A 311 -9.81 7.98 -12.60
N ASN A 312 -8.94 7.21 -13.24
CA ASN A 312 -9.22 6.74 -14.61
C ASN A 312 -9.98 5.40 -14.66
N HIS A 313 -10.00 4.66 -13.55
CA HIS A 313 -10.87 3.50 -13.33
C HIS A 313 -11.20 3.40 -11.84
N ASP A 314 -12.40 2.93 -11.51
CA ASP A 314 -12.76 2.61 -10.12
C ASP A 314 -12.30 1.17 -9.86
N LEU A 315 -10.97 1.01 -9.70
CA LEU A 315 -10.38 -0.32 -9.57
C LEU A 315 -9.23 -0.25 -8.59
N TYR A 316 -8.04 0.03 -9.09
CA TYR A 316 -6.97 0.57 -8.24
C TYR A 316 -7.25 2.06 -8.06
N TRP A 317 -6.47 2.69 -7.17
CA TRP A 317 -6.49 4.14 -7.08
C TRP A 317 -5.53 4.64 -8.15
N GLN A 318 -6.06 4.70 -9.38
CA GLN A 318 -5.22 4.89 -10.55
C GLN A 318 -5.63 6.17 -11.26
N ILE A 319 -4.62 6.99 -11.53
CA ILE A 319 -4.80 8.34 -12.06
C ILE A 319 -3.88 8.57 -13.24
N THR A 320 -4.19 9.58 -14.03
CA THR A 320 -3.44 9.82 -15.25
C THR A 320 -2.52 11.01 -15.08
N LEU A 321 -1.23 10.76 -15.20
CA LEU A 321 -0.20 11.81 -15.04
C LEU A 321 0.84 11.72 -16.16
N ASP A 322 1.33 12.86 -16.66
CA ASP A 322 2.48 12.84 -17.56
C ASP A 322 3.73 12.52 -16.75
N ALA A 323 4.50 11.53 -17.16
CA ALA A 323 5.70 11.14 -16.41
C ALA A 323 6.94 11.57 -17.17
N HIS A 324 7.84 12.27 -16.49
CA HIS A 324 9.08 12.63 -17.13
C HIS A 324 10.27 12.45 -16.18
N VAL A 325 11.31 11.81 -16.69
CA VAL A 325 12.55 11.64 -15.97
C VAL A 325 13.65 12.06 -16.92
N GLY A 326 14.30 13.17 -16.63
CA GLY A 326 15.28 13.74 -17.55
C GLY A 326 14.65 14.03 -18.90
N ASN A 327 15.16 13.38 -19.94
CA ASN A 327 14.61 13.56 -21.28
C ASN A 327 13.64 12.46 -21.71
N ILE A 328 13.41 11.49 -20.82
CA ILE A 328 12.49 10.39 -21.09
C ILE A 328 11.10 10.80 -20.62
N MET A 329 10.09 10.54 -21.44
CA MET A 329 8.73 10.92 -21.07
C MET A 329 7.66 9.98 -21.59
N LEU A 330 6.62 9.84 -20.78
CA LEU A 330 5.42 9.10 -21.15
C LEU A 330 4.24 9.97 -20.78
N GLU A 331 3.54 10.51 -21.77
CA GLU A 331 2.40 11.36 -21.51
C GLU A 331 1.22 10.52 -21.06
N LYS A 332 0.46 11.06 -20.11
CA LYS A 332 -0.79 10.47 -19.68
C LYS A 332 -0.61 9.02 -19.28
N ALA A 333 0.45 8.78 -18.51
CA ALA A 333 0.75 7.44 -17.97
C ALA A 333 -0.28 7.09 -16.92
N ASN A 334 -0.58 5.79 -16.81
CA ASN A 334 -1.43 5.32 -15.73
C ASN A 334 -0.58 5.15 -14.47
N CYS A 335 -0.95 5.83 -13.39
CA CYS A 335 -0.13 5.87 -12.16
C CYS A 335 -0.98 5.37 -11.04
N ILE A 336 -0.51 4.32 -10.38
CA ILE A 336 -1.31 3.64 -9.39
C ILE A 336 -0.73 4.03 -8.04
N VAL A 337 -1.55 4.62 -7.17
CA VAL A 337 -1.08 5.01 -5.82
C VAL A 337 -1.27 3.81 -4.89
N ASP A 338 -0.14 3.23 -4.45
CA ASP A 338 -0.18 1.85 -3.97
C ASP A 338 0.61 1.70 -2.68
N SER A 339 -0.11 1.69 -1.55
CA SER A 339 0.57 1.59 -0.28
C SER A 339 1.22 0.22 -0.02
N GLY A 340 0.79 -0.81 -0.77
CA GLY A 340 1.32 -2.16 -0.58
C GLY A 340 2.55 -2.49 -1.38
N THR A 341 3.02 -1.56 -2.19
CA THR A 341 4.24 -1.78 -2.96
C THR A 341 5.35 -0.91 -2.40
N SER A 342 6.49 -1.51 -2.04
N SER A 342 6.49 -1.56 -2.10
CA SER A 342 7.48 -0.67 -1.36
CA SER A 342 7.59 -0.91 -1.42
C SER A 342 8.40 0.12 -2.27
C SER A 342 8.60 -0.20 -2.32
N ALA A 343 8.25 -0.05 -3.59
CA ALA A 343 9.10 0.58 -4.58
C ALA A 343 8.30 1.51 -5.47
N ILE A 344 9.00 2.31 -6.29
CA ILE A 344 8.40 2.89 -7.49
C ILE A 344 8.60 1.85 -8.59
N THR A 345 7.54 1.53 -9.34
CA THR A 345 7.74 0.69 -10.53
C THR A 345 7.54 1.51 -11.79
N VAL A 346 8.34 1.15 -12.81
CA VAL A 346 8.44 1.94 -14.03
C VAL A 346 8.41 0.96 -15.21
N PRO A 347 7.79 1.29 -16.35
CA PRO A 347 7.87 0.39 -17.49
C PRO A 347 9.35 0.06 -17.79
N THR A 348 9.60 -1.16 -18.25
CA THR A 348 10.98 -1.65 -18.39
C THR A 348 11.83 -0.87 -19.39
N ASP A 349 11.26 -0.55 -20.54
CA ASP A 349 12.00 0.21 -21.54
C ASP A 349 12.30 1.64 -21.06
N PHE A 350 11.28 2.31 -20.49
CA PHE A 350 11.45 3.60 -19.84
C PHE A 350 12.59 3.57 -18.80
N LEU A 351 12.59 2.54 -17.94
CA LEU A 351 13.63 2.42 -16.94
C LEU A 351 15.02 2.27 -17.58
N ASN A 352 15.11 1.40 -18.58
CA ASN A 352 16.39 1.19 -19.28
C ASN A 352 16.98 2.51 -19.75
N LYS A 353 16.14 3.30 -20.42
CA LYS A 353 16.54 4.59 -20.98
C LYS A 353 16.91 5.62 -19.94
N MET A 354 16.17 5.67 -18.82
CA MET A 354 16.44 6.67 -17.81
C MET A 354 17.72 6.37 -17.03
N LEU A 355 18.13 5.10 -17.01
CA LEU A 355 19.30 4.68 -16.22
C LEU A 355 20.64 4.78 -16.97
N GLN A 356 20.58 5.13 -18.26
CA GLN A 356 21.78 5.37 -19.05
C GLN A 356 22.05 6.87 -19.13
N ASN A 357 23.25 7.31 -18.74
CA ASN A 357 24.30 6.52 -18.12
C ASN A 357 24.64 7.28 -16.86
N LEU A 358 24.27 6.71 -15.73
CA LEU A 358 24.22 7.45 -14.49
C LEU A 358 25.18 6.97 -13.43
N ASP A 359 26.10 6.08 -13.78
CA ASP A 359 26.95 5.43 -12.78
C ASP A 359 26.06 4.65 -11.82
N VAL A 360 25.09 3.94 -12.39
CA VAL A 360 24.23 3.04 -11.64
C VAL A 360 24.58 1.66 -12.16
N ILE A 361 24.60 0.67 -11.27
CA ILE A 361 24.97 -0.68 -11.66
C ILE A 361 23.87 -1.66 -11.30
N LYS A 362 23.48 -2.51 -12.25
CA LYS A 362 22.60 -3.62 -11.93
C LYS A 362 23.42 -4.65 -11.17
N VAL A 363 22.89 -5.14 -10.06
CA VAL A 363 23.56 -6.19 -9.30
C VAL A 363 23.46 -7.48 -10.10
N PRO A 364 24.59 -8.13 -10.36
CA PRO A 364 24.59 -9.35 -11.17
C PRO A 364 23.57 -10.37 -10.64
N PHE A 365 22.70 -10.85 -11.53
CA PHE A 365 21.72 -11.90 -11.23
C PHE A 365 20.58 -11.50 -10.29
N LEU A 366 20.48 -10.20 -10.00
CA LEU A 366 19.45 -9.67 -9.12
C LEU A 366 18.74 -8.53 -9.85
N PRO A 367 17.48 -8.28 -9.51
CA PRO A 367 16.73 -7.24 -10.22
C PRO A 367 16.91 -5.87 -9.57
N PHE A 368 18.02 -5.69 -8.85
CA PHE A 368 18.30 -4.47 -8.10
C PHE A 368 19.37 -3.61 -8.75
N TYR A 369 19.28 -2.30 -8.50
CA TYR A 369 20.25 -1.33 -8.97
C TYR A 369 20.88 -0.62 -7.81
N VAL A 370 22.20 -0.46 -7.87
CA VAL A 370 22.94 0.24 -6.82
C VAL A 370 23.78 1.38 -7.35
N THR A 371 24.11 2.29 -6.45
CA THR A 371 24.81 3.52 -6.80
C THR A 371 25.38 4.14 -5.54
N LEU A 372 26.37 5.02 -5.70
CA LEU A 372 26.82 5.81 -4.57
C LEU A 372 25.72 6.78 -4.15
N CYS A 373 25.50 6.93 -2.84
CA CYS A 373 24.41 7.77 -2.34
C CYS A 373 24.51 9.24 -2.75
N ASN A 374 25.74 9.74 -2.90
CA ASN A 374 25.97 11.13 -3.31
C ASN A 374 26.08 11.31 -4.82
N ASN A 375 25.62 10.30 -5.55
CA ASN A 375 25.64 10.34 -7.01
C ASN A 375 24.84 11.53 -7.54
N SER A 376 25.56 12.54 -8.02
CA SER A 376 24.94 13.79 -8.48
C SER A 376 24.17 13.66 -9.80
N LYS A 377 24.39 12.58 -10.53
CA LYS A 377 23.71 12.39 -11.82
C LYS A 377 22.30 11.81 -11.70
N LEU A 378 21.89 11.43 -10.48
CA LEU A 378 20.61 10.74 -10.31
C LEU A 378 19.45 11.68 -10.62
N PRO A 379 18.48 11.24 -11.43
CA PRO A 379 17.40 12.10 -11.89
C PRO A 379 16.22 12.23 -10.90
N THR A 380 15.43 13.26 -11.12
CA THR A 380 14.19 13.45 -10.34
C THR A 380 12.98 13.04 -11.17
N PHE A 381 12.10 12.22 -10.61
CA PHE A 381 10.83 11.93 -11.29
C PHE A 381 9.94 13.18 -11.27
N GLU A 382 9.30 13.45 -12.40
CA GLU A 382 8.31 14.52 -12.44
C GLU A 382 7.00 13.97 -12.97
N PHE A 383 5.95 14.13 -12.18
CA PHE A 383 4.62 13.71 -12.61
C PHE A 383 3.72 14.92 -12.63
N THR A 384 3.10 15.17 -13.78
CA THR A 384 2.31 16.39 -13.92
C THR A 384 0.91 16.16 -14.48
N SER A 385 0.03 17.05 -14.08
CA SER A 385 -1.33 17.08 -14.61
C SER A 385 -1.71 18.54 -14.75
N GLU A 386 -2.94 18.77 -15.21
CA GLU A 386 -3.49 20.13 -15.23
C GLU A 386 -3.79 20.68 -13.81
N ASN A 387 -3.76 19.78 -12.81
CA ASN A 387 -4.12 20.09 -11.43
C ASN A 387 -2.93 20.29 -10.49
N GLY A 388 -1.80 19.69 -10.83
CA GLY A 388 -0.65 19.68 -9.93
C GLY A 388 0.63 19.12 -10.52
N LYS A 389 1.71 19.28 -9.77
N LYS A 389 1.72 19.26 -9.75
CA LYS A 389 3.03 18.76 -10.13
CA LYS A 389 3.04 18.78 -10.13
C LYS A 389 3.62 18.07 -8.90
C LYS A 389 3.65 18.10 -8.91
N TYR A 390 4.11 16.87 -9.11
CA TYR A 390 4.65 16.04 -8.02
C TYR A 390 6.00 15.55 -8.47
N THR A 391 7.01 15.70 -7.61
CA THR A 391 8.37 15.28 -7.94
C THR A 391 8.90 14.29 -6.92
N LEU A 392 9.80 13.42 -7.36
CA LEU A 392 10.44 12.46 -6.47
C LEU A 392 11.93 12.49 -6.72
N GLU A 393 12.63 13.17 -5.83
CA GLU A 393 14.07 13.36 -5.89
C GLU A 393 14.81 12.13 -5.35
N PRO A 394 16.08 11.97 -5.71
CA PRO A 394 16.87 10.81 -5.27
C PRO A 394 16.79 10.50 -3.77
N GLU A 395 16.80 11.52 -2.93
CA GLU A 395 16.71 11.30 -1.48
C GLU A 395 15.49 10.48 -1.05
N TYR A 396 14.43 10.48 -1.88
CA TYR A 396 13.21 9.73 -1.55
C TYR A 396 13.16 8.32 -2.11
N TYR A 397 14.01 8.01 -3.11
CA TYR A 397 14.01 6.69 -3.71
C TYR A 397 15.30 5.89 -3.50
N LEU A 398 16.19 6.45 -2.69
CA LEU A 398 17.46 5.79 -2.35
C LEU A 398 17.41 5.18 -0.97
N GLN A 399 17.88 3.94 -0.87
CA GLN A 399 17.93 3.16 0.36
C GLN A 399 19.40 2.86 0.70
N HIS A 400 19.86 3.34 1.85
CA HIS A 400 21.25 3.11 2.27
C HIS A 400 21.52 1.63 2.50
N ILE A 401 22.60 1.14 1.91
CA ILE A 401 23.02 -0.24 2.10
C ILE A 401 24.49 -0.23 2.53
N GLU A 402 24.76 0.46 3.64
CA GLU A 402 26.12 0.65 4.16
C GLU A 402 26.83 -0.69 4.42
N ASP A 403 26.07 -1.71 4.81
CA ASP A 403 26.61 -3.05 5.03
C ASP A 403 27.23 -3.70 3.77
N VAL A 404 26.74 -3.35 2.58
CA VAL A 404 27.33 -3.88 1.35
C VAL A 404 28.38 -2.95 0.73
N GLY A 405 28.40 -1.69 1.14
CA GLY A 405 29.45 -0.78 0.71
C GLY A 405 29.37 0.60 1.33
N PRO A 406 30.50 1.14 1.75
CA PRO A 406 30.57 2.54 2.23
C PRO A 406 30.00 3.53 1.22
N GLY A 407 28.94 4.22 1.63
CA GLY A 407 28.33 5.26 0.80
C GLY A 407 27.50 4.69 -0.34
N LEU A 408 27.16 3.41 -0.25
CA LEU A 408 26.37 2.74 -1.28
C LEU A 408 24.89 2.75 -0.95
N CYS A 409 24.08 2.90 -2.00
CA CYS A 409 22.63 2.90 -1.88
C CYS A 409 22.04 1.99 -2.93
N MET A 410 20.85 1.50 -2.66
CA MET A 410 20.05 0.77 -3.64
C MET A 410 18.94 1.72 -4.10
N LEU A 411 18.54 1.59 -5.35
CA LEU A 411 17.41 2.32 -5.90
C LEU A 411 16.14 1.53 -5.57
N ASN A 412 15.18 2.23 -4.99
CA ASN A 412 13.88 1.66 -4.64
C ASN A 412 12.97 1.74 -5.87
N ILE A 413 13.48 1.23 -7.00
CA ILE A 413 12.84 1.32 -8.31
C ILE A 413 12.95 -0.07 -8.97
N ILE A 414 11.85 -0.53 -9.58
CA ILE A 414 11.73 -1.84 -10.22
C ILE A 414 11.14 -1.61 -11.60
N GLY A 415 11.70 -2.29 -12.61
CA GLY A 415 11.06 -2.38 -13.91
C GLY A 415 9.92 -3.37 -13.96
N LEU A 416 8.76 -2.90 -14.42
CA LEU A 416 7.56 -3.72 -14.48
C LEU A 416 6.63 -3.27 -15.60
N ASP A 417 6.30 -4.20 -16.50
CA ASP A 417 5.39 -3.90 -17.61
C ASP A 417 3.98 -4.37 -17.35
N PHE A 418 3.02 -3.51 -17.66
CA PHE A 418 1.61 -3.81 -17.54
C PHE A 418 1.01 -3.75 -18.94
N PRO A 419 -0.20 -4.30 -19.14
CA PRO A 419 -0.86 -4.22 -20.45
C PRO A 419 -1.07 -2.80 -20.97
N VAL A 420 -1.16 -1.83 -20.07
CA VAL A 420 -1.14 -0.41 -20.43
C VAL A 420 0.02 0.24 -19.69
N PRO A 421 0.69 1.23 -20.30
CA PRO A 421 1.85 1.86 -19.66
C PRO A 421 1.52 2.41 -18.27
N THR A 422 2.21 1.90 -17.25
CA THR A 422 1.85 2.13 -15.86
C THR A 422 3.08 2.37 -14.99
N PHE A 423 2.97 3.35 -14.08
CA PHE A 423 3.92 3.53 -12.97
C PHE A 423 3.16 3.14 -11.70
N ILE A 424 3.81 2.39 -10.81
CA ILE A 424 3.28 2.26 -9.46
C ILE A 424 4.00 3.26 -8.55
N LEU A 425 3.20 4.17 -8.00
CA LEU A 425 3.67 5.15 -7.03
C LEU A 425 3.49 4.54 -5.66
N GLY A 426 4.50 3.76 -5.25
CA GLY A 426 4.43 3.00 -4.01
C GLY A 426 4.93 3.80 -2.83
N ASP A 427 5.35 3.08 -1.80
CA ASP A 427 5.74 3.76 -0.56
C ASP A 427 6.76 4.89 -0.67
N PRO A 428 7.77 4.81 -1.54
CA PRO A 428 8.70 5.93 -1.65
C PRO A 428 7.99 7.24 -2.02
N PHE A 429 6.99 7.17 -2.88
CA PHE A 429 6.20 8.34 -3.28
C PHE A 429 5.31 8.78 -2.11
N MET A 430 4.62 7.81 -1.49
CA MET A 430 3.68 8.11 -0.42
C MET A 430 4.37 8.63 0.84
N ARG A 431 5.66 8.33 1.02
CA ARG A 431 6.39 8.91 2.16
C ARG A 431 6.58 10.40 1.98
N LYS A 432 6.77 10.87 0.73
CA LYS A 432 6.90 12.29 0.52
C LYS A 432 5.58 13.03 0.48
N TYR A 433 4.58 12.39 -0.16
CA TYR A 433 3.29 13.03 -0.37
C TYR A 433 2.20 12.38 0.47
N PHE A 434 1.59 13.19 1.34
CA PHE A 434 0.34 12.82 1.98
C PHE A 434 -0.72 12.58 0.90
N THR A 435 -1.51 11.52 1.08
CA THR A 435 -2.50 11.14 0.05
C THR A 435 -3.87 10.95 0.63
N VAL A 436 -4.86 11.37 -0.16
CA VAL A 436 -6.27 11.30 0.21
C VAL A 436 -6.94 10.43 -0.83
N PHE A 437 -7.70 9.46 -0.36
CA PHE A 437 -8.38 8.52 -1.26
C PHE A 437 -9.86 8.68 -1.06
N ASP A 438 -10.53 9.29 -2.05
CA ASP A 438 -11.90 9.70 -1.90
C ASP A 438 -12.88 8.86 -2.75
N TYR A 439 -13.62 7.98 -2.10
CA TYR A 439 -14.62 7.15 -2.81
C TYR A 439 -15.79 7.97 -3.31
N ASP A 440 -16.20 8.96 -2.53
CA ASP A 440 -17.37 9.74 -2.97
C ASP A 440 -17.10 10.53 -4.23
N ASN A 441 -15.89 11.07 -4.34
CA ASN A 441 -15.58 11.94 -5.46
C ASN A 441 -14.71 11.25 -6.49
N HIS A 442 -14.43 9.96 -6.29
CA HIS A 442 -13.65 9.19 -7.27
C HIS A 442 -12.33 9.88 -7.62
N SER A 443 -11.55 10.21 -6.57
CA SER A 443 -10.34 10.98 -6.79
C SER A 443 -9.28 10.66 -5.75
N VAL A 444 -8.06 11.02 -6.11
CA VAL A 444 -6.94 11.00 -5.19
C VAL A 444 -6.48 12.45 -4.97
N GLY A 445 -6.34 12.85 -3.71
CA GLY A 445 -5.73 14.13 -3.35
C GLY A 445 -4.30 13.94 -2.91
N ILE A 446 -3.46 14.90 -3.26
CA ILE A 446 -2.02 14.81 -3.00
C ILE A 446 -1.53 16.14 -2.45
N ALA A 447 -0.71 16.08 -1.40
CA ALA A 447 -0.09 17.29 -0.84
C ALA A 447 1.22 16.85 -0.23
N LEU A 448 2.15 17.80 -0.10
CA LEU A 448 3.41 17.51 0.58
C LEU A 448 3.13 17.09 2.02
N ALA A 449 3.65 15.93 2.42
CA ALA A 449 3.54 15.49 3.83
C ALA A 449 4.41 16.39 4.72
N LYS A 450 3.88 16.73 5.90
CA LYS A 450 4.68 17.44 6.88
C LYS A 450 5.87 16.57 7.24
N LYS A 451 7.04 17.21 7.36
CA LYS A 451 8.26 16.46 7.60
C LYS A 451 8.30 15.79 8.96
N ASN A 452 7.63 16.39 9.94
CA ASN A 452 7.62 15.87 11.32
C ASN A 452 6.21 15.92 11.92
N LEU A 453 5.96 15.15 12.99
CA LEU A 453 4.65 15.13 13.63
C LEU A 453 4.67 15.26 15.17
O27 IH4 B . 10.37 -7.15 1.71
C26 IH4 B . 9.51 -7.64 2.44
O28 IH4 B . 9.67 -8.91 2.91
C29 IH4 B . 10.82 -9.56 2.36
C25 IH4 B . 8.37 -6.76 2.98
C24 IH4 B . 7.04 -6.93 2.29
C30 IH4 B . 6.31 -8.10 2.42
C31 IH4 B . 5.09 -8.23 1.76
C23 IH4 B . 6.50 -5.90 1.52
C22 IH4 B . 5.28 -6.05 0.87
C21 IH4 B . 4.56 -7.22 0.97
C20 IH4 B . 3.26 -7.39 0.32
C32 IH4 B . 2.34 -6.35 0.30
C33 IH4 B . 1.12 -6.50 -0.31
C19 IH4 B . 2.89 -8.59 -0.29
C18 IH4 B . 1.66 -8.76 -0.90
C17 IH4 B . 0.75 -7.70 -0.92
C16 IH4 B . -0.61 -7.80 -1.56
N3 IH4 B . -0.49 -8.32 -2.93
C2 IH4 B . -0.96 -9.65 -3.22
C34 IH4 B . -1.46 -10.54 -2.10
C35 IH4 B . -2.77 -10.42 -1.62
C36 IH4 B . -3.23 -11.34 -0.69
C37 IH4 B . -2.41 -12.37 -0.26
C43 IH4 B . -1.11 -12.47 -0.73
C44 IH4 B . -0.65 -11.55 -1.66
C38 IH4 B . -2.90 -13.39 0.77
C39 IH4 B . -2.65 -12.91 2.21
C40 IH4 B . -3.06 -13.95 3.24
C41 IH4 B . -2.80 -13.44 4.66
C42 IH4 B . -3.19 -14.47 5.72
O1 IH4 B . -0.95 -10.09 -4.39
C4 IH4 B . -0.03 -7.53 -4.07
C5 IH4 B . -1.19 -6.74 -4.63
C6 IH4 B . -0.69 -6.04 -5.92
N7 IH4 B . 0.50 -5.22 -5.63
C14 IH4 B . 1.59 -5.95 -4.94
C15 IH4 B . 1.07 -6.57 -3.65
C8 IH4 B . 1.19 -4.80 -6.88
C9 IH4 B . 0.24 -3.96 -7.72
N10 IH4 B . -0.26 -4.46 -8.89
C11 IH4 B . -1.07 -3.48 -9.43
C12 IH4 B . -1.02 -2.42 -8.59
N13 IH4 B . -0.20 -2.69 -7.52
O27 IH4 C . 2.66 -7.54 -13.68
C26 IH4 C . 2.03 -7.98 -12.71
O28 IH4 C . 0.84 -7.40 -12.36
C29 IH4 C . -0.28 -7.99 -13.04
C25 IH4 C . 2.56 -9.16 -11.93
C24 IH4 C . 3.02 -8.74 -10.54
C30 IH4 C . 4.11 -7.89 -10.37
C31 IH4 C . 4.51 -7.53 -9.09
C23 IH4 C . 2.34 -9.24 -9.45
C22 IH4 C . 2.73 -8.87 -8.16
C21 IH4 C . 3.81 -8.01 -7.98
C20 IH4 C . 4.23 -7.67 -6.63
C32 IH4 C . 3.96 -8.58 -5.62
C33 IH4 C . 4.35 -8.32 -4.32
C19 IH4 C . 4.96 -6.51 -6.35
C18 IH4 C . 5.36 -6.24 -5.03
C17 IH4 C . 5.06 -7.16 -4.02
C16 IH4 C . 5.46 -6.94 -2.56
N3 IH4 C . 6.89 -6.63 -2.50
C2 IH4 C . 7.29 -5.24 -2.41
C34 IH4 C . 8.76 -4.89 -2.22
C35 IH4 C . 9.37 -4.05 -3.15
C36 IH4 C . 10.60 -3.49 -2.87
C37 IH4 C . 11.24 -3.80 -1.67
C43 IH4 C . 10.63 -4.64 -0.75
C44 IH4 C . 9.38 -5.19 -1.03
C38 IH4 C . 12.61 -3.20 -1.34
C39 IH4 C . 13.22 -2.40 -2.48
C40 IH4 C . 14.04 -3.27 -3.44
C41 IH4 C . 13.41 -3.24 -4.83
C42 IH4 C . 13.94 -2.08 -5.63
O1 IH4 C . 6.46 -4.33 -2.50
C4 IH4 C . 7.94 -7.67 -2.37
C5 IH4 C . 7.80 -8.46 -1.07
C6 IH4 C . 9.01 -9.40 -0.99
N7 IH4 C . 9.05 -10.28 -2.18
C14 IH4 C . 9.03 -9.56 -3.46
C15 IH4 C . 7.87 -8.59 -3.58
C8 IH4 C . 10.31 -11.05 -2.23
C9 IH4 C . 10.62 -11.87 -1.00
N10 IH4 C . 9.75 -12.83 -0.55
C11 IH4 C . 10.32 -13.40 0.57
C12 IH4 C . 11.50 -12.77 0.77
N13 IH4 C . 11.72 -11.82 -0.19
#